data_9R4T
#
_entry.id   9R4T
#
_cell.length_a   107.237
_cell.length_b   107.237
_cell.length_c   127.024
_cell.angle_alpha   90.000
_cell.angle_beta   90.000
_cell.angle_gamma   120.000
#
_symmetry.space_group_name_H-M   'P 31 2 1'
#
loop_
_entity.id
_entity.type
_entity.pdbx_description
1 polymer 'Chains: A'
2 non-polymer GLYCEROL
3 non-polymer beta-D-glucopyranose
4 water water
#
_entity_poly.entity_id   1
_entity_poly.type   'polypeptide(L)'
_entity_poly.pdbx_seq_one_letter_code
;MAGIADLTAALASADRNRVTRVEAMRRSPTTISLSTLGALSALWGILYFMTCSGRNSRGVLADASSGMLQTRQSDSESLN
STGLAQAAINGLNARFYESSNARWSSDEPWWISGVALTMVIEYMRRSGSKEYLDQVEDVIEVQRQPLSWWPSGEGEFRAD
ATDDTGWWALAMVRMYDLTGNEDYLNISIKDEAYMRQWWTDTECGGGLYVDIQDLTYKNAIANELYLKLVASLANRAPNA
TIYLDRAQQAWTWFLGSGMINGVNLINDGLARDSNTGSCYNNRLPVWTYNQGVILGALVELYHATKDESYLLSAQAIADA
VLSPSNGLTSSSGVLTETCEGSDSCNQDQQVFKGVFALNLAELGDAVAGASSDPDAGQDYREYLDTNMQSMYANDRSEIV
PTLFDSSTGDLYDVSWSGPFRNATMPKQASAIGLYVANI
;
_entity_poly.pdbx_strand_id   A
#
# COMPACT_ATOMS: atom_id res chain seq x y z
N SER A 78 27.65 6.65 -4.16
CA SER A 78 26.28 6.70 -3.65
C SER A 78 25.64 5.31 -3.64
N LEU A 79 24.40 5.24 -3.17
CA LEU A 79 23.69 3.98 -3.08
C LEU A 79 22.94 3.67 -4.36
N ASN A 80 22.85 2.39 -4.69
CA ASN A 80 22.10 1.91 -5.85
C ASN A 80 20.84 1.22 -5.31
N SER A 81 19.69 1.86 -5.51
CA SER A 81 18.44 1.34 -4.93
C SER A 81 18.02 0.03 -5.56
N THR A 82 18.33 -0.17 -6.85
CA THR A 82 17.91 -1.39 -7.53
C THR A 82 18.59 -2.62 -6.95
N GLY A 83 19.90 -2.53 -6.68
CA GLY A 83 20.61 -3.66 -6.12
C GLY A 83 20.21 -3.96 -4.68
N LEU A 84 19.88 -2.94 -3.91
CA LEU A 84 19.46 -3.15 -2.53
C LEU A 84 18.05 -3.72 -2.44
N ALA A 85 17.16 -3.32 -3.36
CA ALA A 85 15.84 -3.94 -3.41
C ALA A 85 15.95 -5.42 -3.73
N GLN A 86 16.88 -5.78 -4.61
CA GLN A 86 17.10 -7.19 -4.94
C GLN A 86 17.61 -7.96 -3.72
N ALA A 87 18.58 -7.38 -3.01
CA ALA A 87 19.08 -8.03 -1.79
C ALA A 87 17.99 -8.15 -0.74
N ALA A 88 17.08 -7.17 -0.68
CA ALA A 88 15.99 -7.24 0.28
C ALA A 88 14.97 -8.29 -0.13
N ILE A 89 14.64 -8.37 -1.43
CA ILE A 89 13.73 -9.40 -1.90
C ILE A 89 14.33 -10.79 -1.71
N ASN A 90 15.64 -10.91 -1.94
CA ASN A 90 16.30 -12.19 -1.71
C ASN A 90 16.28 -12.57 -0.23
N GLY A 91 16.47 -11.58 0.66
CA GLY A 91 16.35 -11.84 2.08
C GLY A 91 14.93 -12.19 2.48
N LEU A 92 13.95 -11.55 1.84
CA LEU A 92 12.55 -11.91 2.07
C LEU A 92 12.28 -13.36 1.67
N ASN A 93 12.82 -13.77 0.52
CA ASN A 93 12.60 -15.14 0.04
C ASN A 93 13.36 -16.14 0.89
N ALA A 94 14.60 -15.82 1.25
CA ALA A 94 15.45 -16.79 1.95
C ALA A 94 14.91 -17.11 3.34
N ARG A 95 14.28 -16.15 4.00
CA ARG A 95 13.85 -16.31 5.38
C ARG A 95 12.36 -16.61 5.52
N PHE A 96 11.53 -16.18 4.57
CA PHE A 96 10.09 -16.18 4.78
C PHE A 96 9.28 -16.85 3.67
N TYR A 97 9.84 -17.08 2.49
CA TYR A 97 9.06 -17.68 1.41
C TYR A 97 8.93 -19.19 1.62
N GLU A 98 7.72 -19.70 1.39
CA GLU A 98 7.42 -21.12 1.57
C GLU A 98 7.06 -21.69 0.20
N SER A 99 7.99 -22.47 -0.37
CA SER A 99 7.77 -23.02 -1.71
C SER A 99 6.56 -23.93 -1.75
N SER A 100 6.39 -24.78 -0.72
CA SER A 100 5.28 -25.73 -0.70
C SER A 100 3.92 -25.06 -0.59
N ASN A 101 3.88 -23.76 -0.28
CA ASN A 101 2.62 -23.04 -0.10
C ASN A 101 2.42 -21.89 -1.07
N ALA A 102 3.44 -21.53 -1.85
CA ALA A 102 3.38 -20.38 -2.75
C ALA A 102 2.90 -19.13 -2.01
N ARG A 103 3.57 -18.84 -0.89
CA ARG A 103 3.16 -17.78 0.01
C ARG A 103 4.32 -17.50 0.97
N TRP A 104 4.44 -16.24 1.37
CA TRP A 104 5.39 -15.84 2.40
C TRP A 104 4.76 -15.93 3.78
N SER A 105 5.48 -16.56 4.71
CA SER A 105 5.14 -16.59 6.13
C SER A 105 3.65 -16.84 6.40
N SER A 106 3.24 -18.11 6.42
CA SER A 106 1.85 -18.43 6.72
C SER A 106 1.48 -18.10 8.16
N ASP A 107 2.46 -17.90 9.04
CA ASP A 107 2.22 -17.47 10.41
C ASP A 107 1.99 -15.97 10.53
N GLU A 108 1.79 -15.28 9.41
CA GLU A 108 1.61 -13.83 9.36
C GLU A 108 0.37 -13.54 8.52
N PRO A 109 -0.21 -12.35 8.64
CA PRO A 109 -1.46 -12.05 7.92
C PRO A 109 -1.35 -12.31 6.42
N TRP A 110 -2.43 -12.86 5.86
CA TRP A 110 -2.47 -13.20 4.44
C TRP A 110 -2.37 -11.95 3.56
N TRP A 111 -3.00 -10.86 3.97
CA TRP A 111 -3.00 -9.64 3.15
C TRP A 111 -1.61 -9.05 3.02
N ILE A 112 -0.70 -9.34 3.96
CA ILE A 112 0.66 -8.85 3.85
C ILE A 112 1.46 -9.62 2.81
N SER A 113 1.07 -10.88 2.53
CA SER A 113 1.62 -11.55 1.35
C SER A 113 1.23 -10.83 0.07
N GLY A 114 0.04 -10.22 0.05
CA GLY A 114 -0.35 -9.43 -1.10
C GLY A 114 0.46 -8.16 -1.24
N VAL A 115 0.76 -7.52 -0.11
CA VAL A 115 1.64 -6.35 -0.13
C VAL A 115 3.03 -6.74 -0.60
N ALA A 116 3.53 -7.88 -0.14
CA ALA A 116 4.84 -8.37 -0.58
C ALA A 116 4.84 -8.62 -2.09
N LEU A 117 3.76 -9.17 -2.62
CA LEU A 117 3.67 -9.38 -4.06
C LEU A 117 3.69 -8.06 -4.81
N THR A 118 3.00 -7.05 -4.27
CA THR A 118 3.04 -5.71 -4.87
C THR A 118 4.47 -5.17 -4.92
N MET A 119 5.21 -5.33 -3.82
CA MET A 119 6.59 -4.84 -3.77
C MET A 119 7.45 -5.50 -4.84
N VAL A 120 7.34 -6.83 -4.96
CA VAL A 120 8.15 -7.56 -5.93
C VAL A 120 7.76 -7.20 -7.35
N ILE A 121 6.45 -7.09 -7.62
CA ILE A 121 6.00 -6.71 -8.95
C ILE A 121 6.51 -5.32 -9.31
N GLU A 122 6.32 -4.35 -8.39
CA GLU A 122 6.75 -2.99 -8.65
C GLU A 122 8.26 -2.89 -8.83
N TYR A 123 9.02 -3.73 -8.14
CA TYR A 123 10.47 -3.77 -8.36
C TYR A 123 10.77 -4.10 -9.82
N MET A 124 10.00 -5.02 -10.40
CA MET A 124 10.28 -5.47 -11.77
C MET A 124 9.93 -4.37 -12.77
N ARG A 125 8.77 -3.73 -12.59
CA ARG A 125 8.37 -2.67 -13.50
C ARG A 125 9.37 -1.54 -13.51
N ARG A 126 9.92 -1.20 -12.34
CA ARG A 126 10.82 -0.06 -12.24
C ARG A 126 12.26 -0.41 -12.63
N SER A 127 12.70 -1.63 -12.34
CA SER A 127 14.06 -2.05 -12.66
C SER A 127 14.17 -2.74 -14.01
N GLY A 128 13.05 -3.07 -14.64
CA GLY A 128 13.07 -3.78 -15.91
C GLY A 128 13.39 -5.25 -15.82
N SER A 129 13.79 -5.74 -14.65
CA SER A 129 14.09 -7.15 -14.48
C SER A 129 12.81 -7.98 -14.45
N LYS A 130 12.95 -9.26 -14.74
CA LYS A 130 11.86 -10.23 -14.67
C LYS A 130 12.27 -11.43 -13.82
N GLU A 131 13.14 -11.21 -12.84
CA GLU A 131 13.87 -12.29 -12.19
C GLU A 131 13.00 -13.10 -11.23
N TYR A 132 11.91 -12.52 -10.71
CA TYR A 132 11.00 -13.24 -9.83
C TYR A 132 9.63 -13.47 -10.47
N LEU A 133 9.54 -13.34 -11.80
CA LEU A 133 8.23 -13.44 -12.46
C LEU A 133 7.63 -14.83 -12.30
N ASP A 134 8.44 -15.88 -12.42
CA ASP A 134 7.94 -17.24 -12.22
C ASP A 134 7.40 -17.41 -10.80
N GLN A 135 8.12 -16.88 -9.81
CA GLN A 135 7.67 -16.96 -8.43
C GLN A 135 6.37 -16.20 -8.22
N VAL A 136 6.25 -15.03 -8.85
CA VAL A 136 5.04 -14.22 -8.67
C VAL A 136 3.82 -14.93 -9.24
N GLU A 137 3.98 -15.50 -10.44
CA GLU A 137 2.88 -16.25 -11.05
C GLU A 137 2.51 -17.48 -10.22
N ASP A 138 3.51 -18.12 -9.62
CA ASP A 138 3.22 -19.23 -8.71
C ASP A 138 2.35 -18.78 -7.55
N VAL A 139 2.72 -17.67 -6.89
CA VAL A 139 1.97 -17.16 -5.75
C VAL A 139 0.56 -16.79 -6.19
N ILE A 140 0.43 -16.09 -7.32
CA ILE A 140 -0.89 -15.71 -7.80
C ILE A 140 -1.76 -16.94 -7.98
N GLU A 141 -1.29 -17.93 -8.75
CA GLU A 141 -2.12 -19.08 -9.11
C GLU A 141 -2.62 -19.83 -7.88
N VAL A 142 -1.82 -19.90 -6.82
CA VAL A 142 -2.24 -20.63 -5.63
C VAL A 142 -3.18 -19.78 -4.78
N GLN A 143 -2.88 -18.48 -4.64
CA GLN A 143 -3.72 -17.62 -3.83
C GLN A 143 -5.00 -17.18 -4.53
N ARG A 144 -5.16 -17.46 -5.83
CA ARG A 144 -6.47 -17.26 -6.46
C ARG A 144 -7.52 -18.20 -5.89
N GLN A 145 -7.10 -19.37 -5.42
CA GLN A 145 -8.04 -20.43 -5.10
C GLN A 145 -8.95 -20.02 -3.95
N PRO A 146 -10.17 -20.60 -3.89
CA PRO A 146 -11.08 -20.28 -2.78
C PRO A 146 -10.43 -20.41 -1.42
N LEU A 147 -10.43 -19.32 -0.66
CA LEU A 147 -9.76 -19.31 0.64
C LEU A 147 -10.46 -20.26 1.60
N SER A 148 -9.65 -21.02 2.35
CA SER A 148 -10.21 -21.99 3.28
C SER A 148 -11.02 -21.32 4.39
N TRP A 149 -10.67 -20.09 4.75
CA TRP A 149 -11.38 -19.36 5.79
C TRP A 149 -12.53 -18.52 5.26
N TRP A 150 -12.69 -18.42 3.93
CA TRP A 150 -13.82 -17.71 3.33
C TRP A 150 -14.16 -18.37 1.99
N PRO A 151 -14.78 -19.54 2.01
CA PRO A 151 -15.11 -20.21 0.74
C PRO A 151 -16.21 -19.51 -0.04
N SER A 152 -17.08 -18.74 0.63
CA SER A 152 -18.15 -18.06 -0.07
C SER A 152 -17.64 -16.95 -1.00
N GLY A 153 -16.37 -16.54 -0.86
CA GLY A 153 -15.81 -15.58 -1.78
C GLY A 153 -15.54 -16.15 -3.16
N GLU A 154 -15.46 -17.47 -3.27
CA GLU A 154 -15.22 -18.16 -4.55
C GLU A 154 -13.89 -17.74 -5.17
N GLY A 155 -12.89 -17.52 -4.32
CA GLY A 155 -11.55 -17.27 -4.79
C GLY A 155 -11.38 -15.91 -5.46
N GLU A 156 -10.37 -15.84 -6.33
CA GLU A 156 -9.98 -14.61 -7.00
C GLU A 156 -9.74 -13.48 -5.98
N PHE A 157 -9.19 -13.85 -4.83
CA PHE A 157 -8.80 -12.94 -3.75
C PHE A 157 -10.00 -12.28 -3.07
N ARG A 158 -11.20 -12.83 -3.24
CA ARG A 158 -12.38 -12.30 -2.56
C ARG A 158 -12.44 -12.92 -1.16
N ALA A 159 -12.09 -12.14 -0.14
CA ALA A 159 -11.89 -12.62 1.21
C ALA A 159 -13.00 -12.15 2.15
N ASP A 160 -12.83 -12.42 3.44
CA ASP A 160 -13.80 -12.05 4.45
C ASP A 160 -13.65 -10.60 4.91
N ALA A 161 -12.74 -9.84 4.32
CA ALA A 161 -12.58 -8.42 4.61
C ALA A 161 -12.35 -7.68 3.31
N THR A 162 -12.95 -6.50 3.18
CA THR A 162 -12.86 -5.77 1.92
C THR A 162 -11.45 -5.21 1.69
N ASP A 163 -10.69 -4.94 2.75
CA ASP A 163 -9.34 -4.45 2.57
C ASP A 163 -8.38 -5.59 2.23
N ASP A 164 -8.57 -6.78 2.80
CA ASP A 164 -7.81 -7.95 2.37
C ASP A 164 -7.94 -8.15 0.87
N THR A 165 -9.18 -8.06 0.35
CA THR A 165 -9.39 -8.18 -1.09
C THR A 165 -8.73 -7.03 -1.84
N GLY A 166 -8.77 -5.82 -1.27
CA GLY A 166 -8.24 -4.67 -1.97
C GLY A 166 -6.73 -4.70 -2.17
N TRP A 167 -5.99 -5.27 -1.21
CA TRP A 167 -4.54 -5.34 -1.35
C TRP A 167 -4.16 -6.22 -2.54
N TRP A 168 -4.83 -7.37 -2.69
CA TRP A 168 -4.53 -8.24 -3.82
C TRP A 168 -5.10 -7.68 -5.12
N ALA A 169 -6.21 -6.95 -5.05
CA ALA A 169 -6.77 -6.35 -6.26
C ALA A 169 -5.81 -5.34 -6.86
N LEU A 170 -5.22 -4.49 -6.02
CA LEU A 170 -4.26 -3.51 -6.52
C LEU A 170 -2.97 -4.17 -6.98
N ALA A 171 -2.59 -5.28 -6.37
CA ALA A 171 -1.44 -6.04 -6.85
C ALA A 171 -1.68 -6.59 -8.25
N MET A 172 -2.94 -6.97 -8.53
CA MET A 172 -3.29 -7.45 -9.85
C MET A 172 -3.28 -6.33 -10.88
N VAL A 173 -3.60 -5.11 -10.46
CA VAL A 173 -3.49 -3.95 -11.35
C VAL A 173 -2.04 -3.74 -11.75
N ARG A 174 -1.12 -3.84 -10.78
CA ARG A 174 0.30 -3.70 -11.08
C ARG A 174 0.81 -4.89 -11.87
N MET A 175 0.32 -6.09 -11.57
CA MET A 175 0.65 -7.26 -12.39
C MET A 175 0.21 -7.06 -13.83
N TYR A 176 -0.98 -6.48 -14.03
CA TYR A 176 -1.43 -6.13 -15.37
C TYR A 176 -0.51 -5.08 -16.01
N ASP A 177 -0.11 -4.08 -15.22
CA ASP A 177 0.79 -3.05 -15.75
C ASP A 177 2.12 -3.63 -16.18
N LEU A 178 2.59 -4.65 -15.47
CA LEU A 178 3.90 -5.23 -15.77
C LEU A 178 3.86 -6.14 -16.98
N THR A 179 2.83 -6.98 -17.09
CA THR A 179 2.77 -8.01 -18.12
C THR A 179 1.87 -7.66 -19.29
N GLY A 180 0.81 -6.88 -19.07
CA GLY A 180 -0.20 -6.69 -20.09
C GLY A 180 -1.18 -7.83 -20.22
N ASN A 181 -1.04 -8.88 -19.41
CA ASN A 181 -1.99 -9.99 -19.42
C ASN A 181 -3.35 -9.53 -18.89
N GLU A 182 -4.37 -9.60 -19.76
CA GLU A 182 -5.71 -9.19 -19.37
C GLU A 182 -6.28 -10.04 -18.24
N ASP A 183 -5.75 -11.25 -18.05
CA ASP A 183 -6.20 -12.12 -16.95
C ASP A 183 -6.12 -11.40 -15.60
N TYR A 184 -5.05 -10.65 -15.37
CA TYR A 184 -4.88 -10.00 -14.08
C TYR A 184 -5.82 -8.81 -13.93
N LEU A 185 -6.09 -8.09 -15.02
CA LEU A 185 -7.08 -7.03 -14.97
C LEU A 185 -8.47 -7.59 -14.70
N ASN A 186 -8.75 -8.81 -15.19
CA ASN A 186 -10.05 -9.43 -14.95
C ASN A 186 -10.26 -9.72 -13.47
N ILE A 187 -9.19 -10.10 -12.77
CA ILE A 187 -9.28 -10.30 -11.33
C ILE A 187 -9.62 -9.00 -10.63
N SER A 188 -8.97 -7.91 -11.04
CA SER A 188 -9.23 -6.60 -10.45
C SER A 188 -10.68 -6.19 -10.63
N ILE A 189 -11.26 -6.55 -11.78
CA ILE A 189 -12.66 -6.20 -12.04
C ILE A 189 -13.58 -7.01 -11.14
N LYS A 190 -13.33 -8.32 -11.02
CA LYS A 190 -14.10 -9.15 -10.10
C LYS A 190 -13.98 -8.63 -8.68
N ASP A 191 -12.80 -8.15 -8.30
CA ASP A 191 -12.58 -7.67 -6.93
C ASP A 191 -13.36 -6.40 -6.66
N GLU A 192 -13.39 -5.48 -7.64
CA GLU A 192 -14.15 -4.25 -7.48
C GLU A 192 -15.63 -4.54 -7.25
N ALA A 193 -16.20 -5.43 -8.08
CA ALA A 193 -17.61 -5.76 -7.94
C ALA A 193 -17.90 -6.44 -6.60
N TYR A 194 -16.97 -7.27 -6.14
CA TYR A 194 -17.16 -7.92 -4.84
C TYR A 194 -17.09 -6.91 -3.71
N MET A 195 -16.13 -5.98 -3.78
CA MET A 195 -16.01 -4.98 -2.72
C MET A 195 -17.22 -4.05 -2.69
N ARG A 196 -17.76 -3.71 -3.86
CA ARG A 196 -18.91 -2.79 -3.94
C ARG A 196 -20.13 -3.34 -3.24
N GLN A 197 -20.24 -4.66 -3.07
CA GLN A 197 -21.39 -5.26 -2.40
C GLN A 197 -21.62 -4.66 -1.02
N TRP A 198 -20.56 -4.16 -0.38
CA TRP A 198 -20.65 -3.63 0.98
C TRP A 198 -20.47 -2.12 1.03
N TRP A 199 -20.55 -1.44 -0.11
CA TRP A 199 -20.75 0.00 -0.13
C TRP A 199 -22.19 0.29 0.25
N THR A 200 -22.38 1.28 1.12
CA THR A 200 -23.71 1.56 1.66
C THR A 200 -23.90 3.07 1.74
N ASP A 201 -25.03 3.53 1.19
CA ASP A 201 -25.41 4.93 1.28
C ASP A 201 -26.28 5.23 2.49
N THR A 202 -26.74 4.20 3.21
CA THR A 202 -27.67 4.42 4.31
C THR A 202 -26.97 4.78 5.61
N GLU A 203 -25.77 4.26 5.83
CA GLU A 203 -24.92 4.68 6.95
C GLU A 203 -23.78 5.52 6.42
N CYS A 204 -23.52 6.65 7.08
CA CYS A 204 -22.46 7.60 6.74
C CYS A 204 -22.60 8.19 5.35
N GLY A 205 -23.74 8.01 4.69
CA GLY A 205 -23.95 8.56 3.37
C GLY A 205 -23.05 8.01 2.29
N GLY A 206 -22.36 6.91 2.54
CA GLY A 206 -21.45 6.33 1.57
C GLY A 206 -20.40 5.50 2.28
N GLY A 207 -19.43 5.06 1.49
CA GLY A 207 -18.34 4.24 1.99
C GLY A 207 -18.74 2.79 2.20
N LEU A 208 -17.73 1.94 2.26
CA LEU A 208 -17.95 0.51 2.48
C LEU A 208 -17.39 0.08 3.82
N TYR A 209 -17.86 -1.08 4.28
CA TYR A 209 -17.42 -1.68 5.54
C TYR A 209 -16.16 -2.50 5.30
N VAL A 210 -15.37 -2.65 6.36
CA VAL A 210 -14.19 -3.51 6.30
C VAL A 210 -14.51 -4.92 6.77
N ASP A 211 -15.36 -5.07 7.78
CA ASP A 211 -15.71 -6.37 8.34
C ASP A 211 -16.95 -6.88 7.63
N ILE A 212 -16.73 -7.74 6.62
CA ILE A 212 -17.84 -8.28 5.84
C ILE A 212 -18.80 -9.06 6.74
N GLN A 213 -18.26 -9.79 7.71
CA GLN A 213 -19.09 -10.61 8.58
C GLN A 213 -19.96 -9.77 9.52
N ASP A 214 -19.45 -8.63 9.98
CA ASP A 214 -20.09 -7.87 11.04
C ASP A 214 -20.70 -6.56 10.59
N LEU A 215 -20.09 -5.87 9.62
CA LEU A 215 -20.60 -4.60 9.10
C LEU A 215 -20.77 -3.57 10.21
N THR A 216 -19.69 -3.37 10.99
CA THR A 216 -19.71 -2.43 12.09
C THR A 216 -18.72 -1.28 11.93
N TYR A 217 -17.85 -1.32 10.93
CA TYR A 217 -16.73 -0.38 10.86
C TYR A 217 -16.47 -0.01 9.39
N LYS A 218 -16.68 1.27 9.08
CA LYS A 218 -16.17 1.87 7.85
C LYS A 218 -14.89 2.62 8.20
N ASN A 219 -13.75 2.07 7.79
CA ASN A 219 -12.46 2.64 8.14
C ASN A 219 -11.81 3.30 6.93
N ALA A 220 -10.64 3.89 7.15
CA ALA A 220 -9.98 4.64 6.08
C ALA A 220 -9.33 3.71 5.05
N ILE A 221 -8.72 2.62 5.51
CA ILE A 221 -7.87 1.83 4.61
C ILE A 221 -8.71 1.08 3.59
N ALA A 222 -9.85 0.51 4.01
CA ALA A 222 -10.68 -0.21 3.06
C ALA A 222 -11.27 0.72 2.00
N ASN A 223 -11.58 1.95 2.40
CA ASN A 223 -12.12 2.92 1.46
C ASN A 223 -11.03 3.59 0.62
N GLU A 224 -9.81 3.66 1.15
CA GLU A 224 -8.69 4.15 0.34
C GLU A 224 -8.29 3.13 -0.70
N LEU A 225 -8.26 1.85 -0.33
CA LEU A 225 -7.95 0.80 -1.30
C LEU A 225 -9.01 0.74 -2.39
N TYR A 226 -10.28 0.77 -1.99
CA TYR A 226 -11.36 0.74 -2.99
C TYR A 226 -11.29 1.95 -3.91
N LEU A 227 -10.98 3.13 -3.36
CA LEU A 227 -10.89 4.33 -4.18
C LEU A 227 -9.77 4.22 -5.19
N LYS A 228 -8.62 3.67 -4.78
CA LYS A 228 -7.51 3.48 -5.72
C LYS A 228 -7.84 2.41 -6.75
N LEU A 229 -8.70 1.46 -6.41
CA LEU A 229 -9.04 0.38 -7.34
C LEU A 229 -9.92 0.91 -8.47
N VAL A 230 -11.00 1.61 -8.14
CA VAL A 230 -11.88 2.14 -9.18
C VAL A 230 -11.17 3.22 -9.98
N ALA A 231 -10.27 3.99 -9.36
CA ALA A 231 -9.51 4.98 -10.09
C ALA A 231 -8.52 4.32 -11.05
N SER A 232 -7.95 3.18 -10.65
CA SER A 232 -7.08 2.43 -11.54
C SER A 232 -7.87 1.84 -12.70
N LEU A 233 -9.04 1.24 -12.40
CA LEU A 233 -9.87 0.66 -13.44
C LEU A 233 -10.40 1.73 -14.40
N ALA A 234 -10.59 2.96 -13.90
CA ALA A 234 -11.00 4.05 -14.77
C ALA A 234 -9.96 4.36 -15.84
N ASN A 235 -8.71 3.92 -15.64
CA ASN A 235 -7.64 4.15 -16.59
C ASN A 235 -7.31 2.91 -17.43
N ARG A 236 -7.88 1.75 -17.12
CA ARG A 236 -7.44 0.51 -17.74
C ARG A 236 -8.59 -0.34 -18.28
N ALA A 237 -9.75 -0.28 -17.62
CA ALA A 237 -10.85 -1.18 -17.95
C ALA A 237 -11.62 -0.71 -19.17
N PRO A 238 -12.29 -1.64 -19.89
CA PRO A 238 -13.08 -1.25 -21.07
C PRO A 238 -14.24 -0.33 -20.73
N ASN A 239 -15.09 -0.74 -19.80
CA ASN A 239 -16.17 0.11 -19.31
C ASN A 239 -15.61 1.14 -18.33
N ALA A 240 -14.74 2.01 -18.85
CA ALA A 240 -13.97 2.90 -18.00
C ALA A 240 -14.81 4.02 -17.39
N THR A 241 -15.96 4.34 -17.97
CA THR A 241 -16.71 5.50 -17.53
C THR A 241 -17.43 5.25 -16.21
N ILE A 242 -17.98 4.05 -16.00
CA ILE A 242 -18.65 3.76 -14.75
C ILE A 242 -17.65 3.76 -13.60
N TYR A 243 -16.43 3.26 -13.87
CA TYR A 243 -15.39 3.27 -12.84
C TYR A 243 -14.92 4.67 -12.53
N LEU A 244 -14.93 5.56 -13.53
CA LEU A 244 -14.58 6.96 -13.26
C LEU A 244 -15.65 7.64 -12.42
N ASP A 245 -16.93 7.39 -12.73
N ASP A 245 -16.93 7.39 -12.73
CA ASP A 245 -18.01 7.97 -11.93
CA ASP A 245 -18.01 7.97 -11.94
C ASP A 245 -17.98 7.46 -10.50
C ASP A 245 -17.98 7.46 -10.51
N ARG A 246 -17.64 6.18 -10.31
CA ARG A 246 -17.54 5.63 -8.96
C ARG A 246 -16.34 6.24 -8.21
N ALA A 247 -15.22 6.42 -8.90
CA ALA A 247 -14.04 7.00 -8.27
C ALA A 247 -14.30 8.45 -7.87
N GLN A 248 -14.91 9.22 -8.77
CA GLN A 248 -15.24 10.61 -8.45
C GLN A 248 -16.23 10.69 -7.30
N GLN A 249 -17.20 9.78 -7.28
CA GLN A 249 -18.18 9.77 -6.19
C GLN A 249 -17.56 9.28 -4.88
N ALA A 250 -16.59 8.35 -4.97
CA ALA A 250 -15.97 7.83 -3.76
C ALA A 250 -15.03 8.86 -3.13
N TRP A 251 -14.32 9.63 -3.96
CA TRP A 251 -13.46 10.68 -3.40
C TRP A 251 -14.28 11.79 -2.78
N THR A 252 -15.42 12.12 -3.38
CA THR A 252 -16.29 13.14 -2.80
C THR A 252 -16.81 12.72 -1.43
N TRP A 253 -17.14 11.43 -1.27
CA TRP A 253 -17.57 10.95 0.03
C TRP A 253 -16.42 10.95 1.02
N PHE A 254 -15.25 10.48 0.60
CA PHE A 254 -14.08 10.44 1.48
C PHE A 254 -13.71 11.84 1.97
N LEU A 255 -13.69 12.81 1.06
CA LEU A 255 -13.31 14.17 1.43
C LEU A 255 -14.30 14.76 2.43
N GLY A 256 -15.59 14.48 2.26
CA GLY A 256 -16.61 14.97 3.16
C GLY A 256 -16.89 14.10 4.35
N SER A 257 -16.18 12.98 4.51
CA SER A 257 -16.45 12.07 5.62
C SER A 257 -15.95 12.64 6.94
N GLY A 258 -14.87 13.42 6.91
CA GLY A 258 -14.25 13.94 8.11
C GLY A 258 -13.00 13.19 8.54
N MET A 259 -12.65 12.10 7.86
CA MET A 259 -11.46 11.35 8.22
C MET A 259 -10.18 12.15 7.97
N ILE A 260 -10.21 13.06 7.01
CA ILE A 260 -9.11 14.00 6.81
C ILE A 260 -9.29 15.14 7.81
N ASN A 261 -8.33 15.29 8.73
CA ASN A 261 -8.49 16.17 9.87
C ASN A 261 -7.91 17.56 9.59
N GLY A 262 -7.74 18.35 10.65
CA GLY A 262 -7.37 19.75 10.52
C GLY A 262 -5.97 20.00 10.00
N VAL A 263 -5.08 19.01 10.14
CA VAL A 263 -3.72 19.15 9.64
C VAL A 263 -3.51 18.32 8.37
N ASN A 264 -4.60 17.97 7.67
CA ASN A 264 -4.55 17.24 6.41
C ASN A 264 -3.98 15.83 6.58
N LEU A 265 -4.23 15.22 7.73
CA LEU A 265 -3.89 13.81 7.95
C LEU A 265 -5.17 13.03 8.18
N ILE A 266 -5.07 11.71 8.03
CA ILE A 266 -6.23 10.82 7.96
C ILE A 266 -6.21 9.91 9.18
N ASN A 267 -7.23 10.03 10.02
CA ASN A 267 -7.39 9.12 11.14
C ASN A 267 -7.90 7.76 10.65
N ASP A 268 -8.08 6.83 11.58
CA ASP A 268 -8.25 5.44 11.19
C ASP A 268 -9.61 5.18 10.53
N GLY A 269 -10.67 5.81 11.03
CA GLY A 269 -11.98 5.52 10.48
C GLY A 269 -13.06 6.40 11.07
N LEU A 270 -14.29 5.92 10.94
CA LEU A 270 -15.48 6.66 11.33
C LEU A 270 -16.21 5.96 12.47
N ALA A 271 -16.73 6.74 13.40
CA ALA A 271 -17.65 6.26 14.42
C ALA A 271 -19.05 6.75 14.10
N ARG A 272 -20.05 6.07 14.65
CA ARG A 272 -21.44 6.36 14.36
C ARG A 272 -22.14 6.82 15.64
N ASP A 273 -22.90 7.91 15.52
CA ASP A 273 -23.62 8.45 16.66
C ASP A 273 -24.72 7.49 17.08
N SER A 274 -24.94 7.38 18.39
CA SER A 274 -25.93 6.45 18.92
C SER A 274 -27.34 6.86 18.52
N ASN A 275 -27.76 8.06 18.92
CA ASN A 275 -29.13 8.50 18.66
C ASN A 275 -29.31 8.98 17.22
N THR A 276 -28.45 9.89 16.77
CA THR A 276 -28.68 10.57 15.51
C THR A 276 -28.34 9.68 14.30
N GLY A 277 -27.28 8.88 14.41
CA GLY A 277 -26.81 8.11 13.29
C GLY A 277 -25.80 8.81 12.41
N SER A 278 -25.35 10.01 12.82
CA SER A 278 -24.32 10.72 12.08
C SER A 278 -22.96 10.10 12.33
N CYS A 279 -22.08 10.21 11.34
CA CYS A 279 -20.75 9.64 11.40
C CYS A 279 -19.72 10.75 11.57
N TYR A 280 -18.61 10.42 12.23
CA TYR A 280 -17.58 11.41 12.50
C TYR A 280 -16.23 10.73 12.66
N ASN A 281 -15.17 11.50 12.44
CA ASN A 281 -13.80 11.06 12.66
C ASN A 281 -13.67 10.46 14.06
N ASN A 282 -13.29 9.19 14.13
CA ASN A 282 -13.20 8.49 15.42
C ASN A 282 -11.93 8.84 16.18
N ARG A 283 -11.05 9.67 15.62
CA ARG A 283 -9.83 10.15 16.29
C ARG A 283 -8.90 9.01 16.70
N LEU A 284 -8.98 7.87 16.02
CA LEU A 284 -8.03 6.79 16.22
C LEU A 284 -6.71 7.12 15.52
N PRO A 285 -5.60 6.41 15.88
CA PRO A 285 -4.27 6.83 15.43
C PRO A 285 -4.11 7.13 13.95
N VAL A 286 -3.11 7.95 13.62
CA VAL A 286 -2.78 8.31 12.25
C VAL A 286 -1.70 7.33 11.80
N TRP A 287 -2.09 6.35 10.99
CA TRP A 287 -1.16 5.35 10.49
C TRP A 287 -0.61 5.77 9.13
N THR A 288 0.67 5.45 8.90
CA THR A 288 1.35 5.95 7.70
C THR A 288 0.70 5.43 6.43
N TYR A 289 0.24 4.16 6.44
CA TYR A 289 -0.32 3.61 5.22
C TYR A 289 -1.68 4.18 4.89
N ASN A 290 -2.32 4.90 5.81
CA ASN A 290 -3.53 5.65 5.52
C ASN A 290 -3.25 7.04 4.98
N GLN A 291 -2.00 7.46 4.94
CA GLN A 291 -1.60 8.67 4.23
C GLN A 291 -0.90 8.35 2.91
N GLY A 292 -0.84 7.07 2.53
CA GLY A 292 -0.16 6.68 1.31
C GLY A 292 -1.08 6.20 0.22
N VAL A 293 -1.91 5.19 0.52
CA VAL A 293 -2.81 4.63 -0.48
C VAL A 293 -3.70 5.71 -1.08
N ILE A 294 -4.06 6.72 -0.29
CA ILE A 294 -4.88 7.82 -0.81
C ILE A 294 -4.10 8.64 -1.84
N LEU A 295 -2.77 8.69 -1.72
CA LEU A 295 -1.97 9.42 -2.70
C LEU A 295 -2.03 8.73 -4.06
N GLY A 296 -1.89 7.41 -4.10
CA GLY A 296 -1.99 6.69 -5.36
C GLY A 296 -3.37 6.82 -5.99
N ALA A 297 -4.42 6.84 -5.16
CA ALA A 297 -5.77 7.01 -5.68
C ALA A 297 -5.92 8.37 -6.34
N LEU A 298 -5.40 9.42 -5.71
CA LEU A 298 -5.50 10.76 -6.29
C LEU A 298 -4.63 10.90 -7.54
N VAL A 299 -3.50 10.19 -7.58
CA VAL A 299 -2.67 10.20 -8.79
C VAL A 299 -3.43 9.53 -9.94
N GLU A 300 -4.10 8.41 -9.66
CA GLU A 300 -4.87 7.74 -10.70
C GLU A 300 -6.07 8.56 -11.13
N LEU A 301 -6.67 9.31 -10.21
CA LEU A 301 -7.75 10.21 -10.58
C LEU A 301 -7.24 11.37 -11.43
N TYR A 302 -6.01 11.82 -11.17
CA TYR A 302 -5.43 12.86 -12.02
C TYR A 302 -5.18 12.34 -13.43
N HIS A 303 -4.65 11.12 -13.54
CA HIS A 303 -4.39 10.54 -14.87
C HIS A 303 -5.69 10.36 -15.64
N ALA A 304 -6.78 10.03 -14.95
CA ALA A 304 -8.07 9.80 -15.60
C ALA A 304 -8.77 11.08 -15.99
N THR A 305 -8.39 12.22 -15.41
CA THR A 305 -9.07 13.49 -15.66
C THR A 305 -8.17 14.62 -16.12
N LYS A 306 -6.86 14.54 -15.89
CA LYS A 306 -5.92 15.65 -16.12
C LYS A 306 -6.30 16.88 -15.31
N ASP A 307 -7.05 16.69 -14.23
CA ASP A 307 -7.41 17.77 -13.31
C ASP A 307 -6.34 17.81 -12.23
N GLU A 308 -5.46 18.82 -12.31
CA GLU A 308 -4.32 18.90 -11.40
C GLU A 308 -4.73 19.12 -9.95
N SER A 309 -5.99 19.49 -9.69
CA SER A 309 -6.43 19.68 -8.32
C SER A 309 -6.41 18.38 -7.53
N TYR A 310 -6.45 17.22 -8.21
CA TYR A 310 -6.25 15.95 -7.52
C TYR A 310 -4.82 15.84 -6.99
N LEU A 311 -3.84 16.23 -7.80
CA LEU A 311 -2.45 16.23 -7.33
C LEU A 311 -2.24 17.21 -6.19
N LEU A 312 -2.95 18.34 -6.20
CA LEU A 312 -2.79 19.34 -5.15
C LEU A 312 -3.32 18.81 -3.81
N SER A 313 -4.44 18.08 -3.83
CA SER A 313 -4.94 17.48 -2.60
C SER A 313 -3.99 16.41 -2.10
N ALA A 314 -3.42 15.61 -3.01
CA ALA A 314 -2.45 14.60 -2.60
C ALA A 314 -1.20 15.24 -2.02
N GLN A 315 -0.76 16.35 -2.62
CA GLN A 315 0.44 17.02 -2.13
C GLN A 315 0.24 17.59 -0.73
N ALA A 316 -0.97 18.06 -0.41
CA ALA A 316 -1.23 18.57 0.93
C ALA A 316 -1.15 17.47 1.98
N ILE A 317 -1.56 16.25 1.62
CA ILE A 317 -1.47 15.13 2.55
C ILE A 317 -0.01 14.71 2.73
N ALA A 318 0.75 14.65 1.63
CA ALA A 318 2.15 14.27 1.71
C ALA A 318 2.97 15.31 2.44
N ASP A 319 2.67 16.59 2.25
CA ASP A 319 3.40 17.64 2.96
C ASP A 319 3.18 17.54 4.46
N ALA A 320 1.97 17.16 4.88
CA ALA A 320 1.69 17.00 6.30
C ALA A 320 2.50 15.85 6.90
N VAL A 321 2.67 14.77 6.15
CA VAL A 321 3.47 13.64 6.63
C VAL A 321 4.94 14.05 6.74
N LEU A 322 5.42 14.84 5.78
CA LEU A 322 6.82 15.23 5.75
C LEU A 322 7.15 16.34 6.75
N SER A 323 6.15 17.00 7.31
CA SER A 323 6.39 18.08 8.26
C SER A 323 6.73 17.50 9.63
N PRO A 324 7.92 17.77 10.17
CA PRO A 324 8.27 17.20 11.48
C PRO A 324 7.35 17.63 12.61
N SER A 325 6.58 18.70 12.43
CA SER A 325 5.66 19.15 13.46
C SER A 325 4.52 18.16 13.70
N ASN A 326 4.22 17.30 12.74
CA ASN A 326 3.09 16.39 12.84
C ASN A 326 3.44 15.05 13.48
N GLY A 327 4.70 14.81 13.82
CA GLY A 327 5.08 13.62 14.55
C GLY A 327 5.27 12.38 13.72
N LEU A 328 5.10 12.44 12.39
CA LEU A 328 5.37 11.29 11.54
C LEU A 328 6.77 11.33 10.93
N THR A 329 7.37 12.51 10.82
CA THR A 329 8.73 12.66 10.34
C THR A 329 9.60 13.13 11.50
N SER A 330 10.61 12.34 11.84
CA SER A 330 11.44 12.63 13.01
C SER A 330 12.33 13.86 12.74
N SER A 331 13.05 14.27 13.77
CA SER A 331 14.00 15.38 13.62
C SER A 331 15.13 15.01 12.66
N SER A 332 15.42 13.72 12.50
CA SER A 332 16.36 13.26 11.49
C SER A 332 15.77 13.25 10.10
N GLY A 333 14.48 13.55 9.96
CA GLY A 333 13.83 13.44 8.67
C GLY A 333 13.43 12.04 8.28
N VAL A 334 13.25 11.15 9.25
CA VAL A 334 12.94 9.75 8.99
C VAL A 334 11.49 9.48 9.32
N LEU A 335 10.81 8.76 8.43
CA LEU A 335 9.43 8.35 8.68
C LEU A 335 9.38 7.43 9.88
N THR A 336 8.44 7.70 10.79
CA THR A 336 8.37 6.99 12.07
C THR A 336 6.91 6.66 12.38
N GLU A 337 6.63 5.38 12.55
CA GLU A 337 5.31 4.96 13.01
C GLU A 337 5.13 5.30 14.48
N THR A 338 3.90 5.68 14.85
CA THR A 338 3.65 6.11 16.23
C THR A 338 3.89 4.99 17.23
N CYS A 339 3.76 3.73 16.80
CA CYS A 339 3.97 2.59 17.70
C CYS A 339 5.45 2.31 17.93
N GLU A 340 6.36 2.89 17.14
CA GLU A 340 7.78 2.63 17.31
C GLU A 340 8.30 3.15 18.64
N GLY A 341 7.74 4.25 19.13
CA GLY A 341 8.20 4.81 20.39
C GLY A 341 8.04 3.84 21.55
N SER A 342 6.84 3.28 21.72
CA SER A 342 6.58 2.30 22.76
C SER A 342 7.04 0.90 22.36
N ASP A 343 7.66 0.73 21.19
CA ASP A 343 8.14 -0.58 20.72
C ASP A 343 7.01 -1.60 20.70
N SER A 344 5.84 -1.18 20.18
CA SER A 344 4.64 -2.00 20.25
C SER A 344 3.99 -2.19 18.88
N CYS A 345 4.75 -2.03 17.80
CA CYS A 345 4.20 -2.22 16.46
C CYS A 345 3.88 -3.68 16.23
N ASN A 346 2.62 -3.99 15.94
CA ASN A 346 2.18 -5.37 15.77
C ASN A 346 2.47 -5.83 14.34
N GLN A 347 2.00 -7.03 14.00
CA GLN A 347 2.30 -7.60 12.69
C GLN A 347 1.72 -6.77 11.55
N ASP A 348 0.60 -6.09 11.78
CA ASP A 348 0.03 -5.23 10.75
C ASP A 348 0.84 -3.95 10.59
N GLN A 349 1.09 -3.25 11.71
CA GLN A 349 1.75 -1.95 11.66
C GLN A 349 3.20 -2.02 11.21
N GLN A 350 3.81 -3.21 11.22
CA GLN A 350 5.19 -3.35 10.79
C GLN A 350 5.39 -3.14 9.30
N VAL A 351 4.32 -3.14 8.51
CA VAL A 351 4.41 -3.02 7.05
C VAL A 351 3.92 -1.67 6.55
N PHE A 352 3.42 -0.80 7.45
CA PHE A 352 2.72 0.40 7.02
C PHE A 352 3.65 1.36 6.27
N LYS A 353 4.88 1.53 6.74
CA LYS A 353 5.74 2.58 6.20
C LYS A 353 6.10 2.32 4.74
N GLY A 354 6.41 1.07 4.39
CA GLY A 354 6.74 0.76 3.01
C GLY A 354 5.61 1.05 2.04
N VAL A 355 4.36 0.88 2.49
CA VAL A 355 3.22 1.19 1.63
C VAL A 355 3.18 2.68 1.33
N PHE A 356 3.41 3.52 2.34
CA PHE A 356 3.43 4.96 2.11
C PHE A 356 4.57 5.36 1.19
N ALA A 357 5.75 4.77 1.38
CA ALA A 357 6.92 5.16 0.60
C ALA A 357 6.69 4.94 -0.90
N LEU A 358 6.15 3.77 -1.25
CA LEU A 358 5.92 3.48 -2.67
C LEU A 358 4.84 4.37 -3.26
N ASN A 359 3.81 4.69 -2.47
CA ASN A 359 2.75 5.58 -2.97
C ASN A 359 3.26 7.01 -3.09
N LEU A 360 4.14 7.43 -2.18
CA LEU A 360 4.73 8.76 -2.30
C LEU A 360 5.61 8.86 -3.55
N ALA A 361 6.30 7.77 -3.90
CA ALA A 361 7.05 7.74 -5.14
C ALA A 361 6.12 7.85 -6.35
N GLU A 362 4.91 7.30 -6.26
CA GLU A 362 3.91 7.50 -7.30
C GLU A 362 3.54 8.96 -7.42
N LEU A 363 3.31 9.62 -6.27
CA LEU A 363 2.95 11.04 -6.27
C LEU A 363 4.08 11.89 -6.83
N GLY A 364 5.32 11.57 -6.45
CA GLY A 364 6.46 12.33 -6.95
C GLY A 364 6.60 12.23 -8.46
N ASP A 365 6.48 11.01 -8.99
CA ASP A 365 6.58 10.82 -10.44
C ASP A 365 5.50 11.60 -11.18
N ALA A 366 4.29 11.62 -10.64
CA ALA A 366 3.20 12.33 -11.30
C ALA A 366 3.39 13.84 -11.22
N VAL A 367 3.91 14.33 -10.08
CA VAL A 367 4.09 15.77 -9.92
C VAL A 367 5.16 16.28 -10.89
N ALA A 368 6.25 15.53 -11.06
CA ALA A 368 7.30 15.93 -11.98
C ALA A 368 6.84 15.87 -13.43
N GLY A 369 5.76 15.14 -13.73
CA GLY A 369 5.29 15.03 -15.09
C GLY A 369 4.17 16.00 -15.41
N ALA A 370 3.62 16.64 -14.38
CA ALA A 370 2.53 17.59 -14.56
C ALA A 370 3.02 19.02 -14.73
N SER A 371 4.31 19.27 -14.60
CA SER A 371 4.87 20.61 -14.77
C SER A 371 6.20 20.50 -15.50
N SER A 372 6.77 21.66 -15.84
CA SER A 372 8.05 21.74 -16.53
C SER A 372 9.20 22.18 -15.63
N ASP A 373 8.93 22.54 -14.39
CA ASP A 373 9.97 22.93 -13.45
C ASP A 373 10.89 21.73 -13.21
N PRO A 374 12.22 21.91 -13.30
CA PRO A 374 13.11 20.77 -13.06
C PRO A 374 13.01 20.20 -11.65
N ASP A 375 12.77 21.06 -10.65
CA ASP A 375 12.69 20.63 -9.26
C ASP A 375 11.29 20.20 -8.87
N ALA A 376 10.42 19.90 -9.84
CA ALA A 376 9.07 19.45 -9.54
C ALA A 376 9.13 18.08 -8.87
N GLY A 377 8.60 17.99 -7.65
CA GLY A 377 8.65 16.76 -6.89
C GLY A 377 10.00 16.47 -6.27
N GLN A 378 10.87 17.48 -6.15
CA GLN A 378 12.20 17.26 -5.59
C GLN A 378 12.13 16.93 -4.11
N ASP A 379 11.18 17.52 -3.38
CA ASP A 379 11.11 17.28 -1.93
C ASP A 379 10.69 15.86 -1.62
N TYR A 380 9.77 15.30 -2.42
CA TYR A 380 9.35 13.92 -2.20
C TYR A 380 10.48 12.95 -2.52
N ARG A 381 11.27 13.25 -3.54
CA ARG A 381 12.37 12.36 -3.91
C ARG A 381 13.50 12.43 -2.90
N GLU A 382 13.83 13.63 -2.42
CA GLU A 382 14.89 13.75 -1.42
C GLU A 382 14.47 13.16 -0.08
N TYR A 383 13.17 13.20 0.22
CA TYR A 383 12.67 12.56 1.44
C TYR A 383 12.81 11.04 1.35
N LEU A 384 12.48 10.46 0.19
CA LEU A 384 12.67 9.04 -0.01
C LEU A 384 14.15 8.67 0.06
N ASP A 385 15.01 9.53 -0.49
CA ASP A 385 16.45 9.28 -0.44
C ASP A 385 16.97 9.36 0.99
N THR A 386 16.51 10.35 1.76
CA THR A 386 16.95 10.47 3.14
C THR A 386 16.56 9.26 3.96
N ASN A 387 15.33 8.76 3.78
CA ASN A 387 14.88 7.60 4.53
C ASN A 387 15.61 6.34 4.10
N MET A 388 15.97 6.24 2.81
CA MET A 388 16.72 5.08 2.34
C MET A 388 18.05 4.99 3.06
N GLN A 389 18.80 6.09 3.08
CA GLN A 389 20.16 6.07 3.61
C GLN A 389 20.18 5.80 5.11
N SER A 390 19.22 6.36 5.84
CA SER A 390 19.14 6.10 7.27
C SER A 390 18.89 4.63 7.55
N MET A 391 17.94 4.03 6.83
CA MET A 391 17.60 2.64 7.08
C MET A 391 18.64 1.70 6.51
N TYR A 392 19.27 2.09 5.39
CA TYR A 392 20.44 1.38 4.89
C TYR A 392 21.52 1.27 5.96
N ALA A 393 21.73 2.34 6.73
CA ALA A 393 22.86 2.43 7.64
C ALA A 393 22.58 1.93 9.04
N ASN A 394 21.33 2.04 9.51
CA ASN A 394 21.02 1.72 10.90
C ASN A 394 20.11 0.52 11.08
N ASP A 395 19.41 0.07 10.04
CA ASP A 395 18.36 -0.94 10.19
C ASP A 395 18.66 -2.23 9.44
N ARG A 396 19.89 -2.41 8.94
CA ARG A 396 20.20 -3.49 8.03
C ARG A 396 20.97 -4.60 8.75
N SER A 397 20.75 -5.84 8.29
CA SER A 397 21.58 -6.97 8.71
C SER A 397 21.60 -7.98 7.57
N GLU A 398 22.81 -8.43 7.21
CA GLU A 398 22.98 -9.40 6.14
C GLU A 398 22.84 -10.82 6.70
N ILE A 399 22.15 -11.69 5.94
CA ILE A 399 22.12 -13.10 6.31
C ILE A 399 23.50 -13.70 6.09
N VAL A 400 23.90 -14.59 6.99
CA VAL A 400 25.21 -15.22 6.93
C VAL A 400 25.09 -16.54 6.16
N PRO A 401 25.81 -16.71 5.07
CA PRO A 401 25.73 -17.98 4.33
C PRO A 401 26.44 -19.10 5.09
N THR A 402 26.06 -20.33 4.75
CA THR A 402 26.66 -21.53 5.31
C THR A 402 27.28 -22.36 4.19
N LEU A 403 27.92 -23.46 4.57
CA LEU A 403 28.44 -24.40 3.59
C LEU A 403 27.33 -25.03 2.76
N PHE A 404 26.09 -24.98 3.24
CA PHE A 404 24.96 -25.62 2.60
C PHE A 404 24.02 -24.64 1.90
N ASP A 405 23.72 -23.50 2.52
CA ASP A 405 22.82 -22.52 1.94
C ASP A 405 23.65 -21.37 1.38
N SER A 406 23.56 -21.16 0.07
CA SER A 406 24.30 -20.09 -0.61
C SER A 406 23.56 -18.76 -0.60
N SER A 407 22.34 -18.71 -0.06
CA SER A 407 21.50 -17.53 -0.19
C SER A 407 22.14 -16.31 0.47
N THR A 408 22.10 -15.18 -0.23
CA THR A 408 22.58 -13.91 0.27
C THR A 408 21.49 -12.85 0.12
N GLY A 409 21.53 -11.85 1.00
CA GLY A 409 20.56 -10.78 0.93
C GLY A 409 20.67 -9.87 2.14
N ASP A 410 19.60 -9.12 2.38
CA ASP A 410 19.52 -8.16 3.48
C ASP A 410 18.23 -8.37 4.26
N LEU A 411 18.31 -8.16 5.58
CA LEU A 411 17.15 -8.20 6.46
C LEU A 411 17.01 -6.86 7.17
N TYR A 412 15.79 -6.57 7.62
CA TYR A 412 15.50 -5.25 8.17
C TYR A 412 14.48 -5.36 9.29
N ASP A 413 14.60 -4.46 10.27
CA ASP A 413 13.69 -4.35 11.39
C ASP A 413 12.65 -3.27 11.10
N VAL A 414 11.88 -2.89 12.12
CA VAL A 414 10.71 -2.04 11.89
C VAL A 414 11.10 -0.56 11.80
N SER A 415 12.11 -0.14 12.57
CA SER A 415 12.46 1.27 12.67
C SER A 415 13.51 1.63 11.63
N TRP A 416 13.17 2.56 10.73
CA TRP A 416 14.11 2.99 9.71
C TRP A 416 15.21 3.87 10.28
N SER A 417 14.98 4.50 11.43
CA SER A 417 16.03 5.21 12.15
C SER A 417 16.21 4.60 13.53
N GLY A 418 16.53 3.31 13.58
CA GLY A 418 16.67 2.62 14.83
C GLY A 418 17.44 1.32 14.69
N PRO A 419 17.63 0.61 15.79
CA PRO A 419 18.48 -0.58 15.77
C PRO A 419 17.79 -1.77 15.12
N PHE A 420 18.61 -2.68 14.60
CA PHE A 420 18.12 -3.96 14.10
C PHE A 420 18.16 -4.96 15.26
N ARG A 421 17.01 -5.46 15.66
CA ARG A 421 16.89 -6.53 16.64
C ARG A 421 16.53 -7.85 16.01
N ASN A 422 15.50 -7.87 15.17
CA ASN A 422 15.13 -9.05 14.41
C ASN A 422 14.50 -8.61 13.09
N ALA A 423 14.08 -9.59 12.30
CA ALA A 423 13.40 -9.34 11.04
C ALA A 423 12.18 -10.25 10.94
N THR A 424 11.03 -9.65 10.65
CA THR A 424 9.82 -10.39 10.32
C THR A 424 9.44 -10.09 8.88
N MET A 425 8.54 -10.92 8.34
CA MET A 425 8.08 -10.72 6.97
C MET A 425 7.43 -9.36 6.76
N PRO A 426 6.51 -8.88 7.63
CA PRO A 426 5.96 -7.53 7.41
C PRO A 426 7.03 -6.44 7.46
N LYS A 427 8.00 -6.57 8.36
CA LYS A 427 9.10 -5.61 8.39
C LYS A 427 9.92 -5.67 7.11
N GLN A 428 10.15 -6.88 6.59
CA GLN A 428 10.93 -7.03 5.36
C GLN A 428 10.18 -6.47 4.15
N ALA A 429 8.85 -6.66 4.12
CA ALA A 429 8.07 -6.16 3.00
C ALA A 429 8.09 -4.64 2.95
N SER A 430 7.93 -3.99 4.11
CA SER A 430 8.07 -2.53 4.18
C SER A 430 9.47 -2.11 3.73
N ALA A 431 10.48 -2.89 4.07
CA ALA A 431 11.85 -2.59 3.65
C ALA A 431 11.96 -2.49 2.13
N ILE A 432 11.45 -3.51 1.43
CA ILE A 432 11.54 -3.54 -0.03
C ILE A 432 10.83 -2.35 -0.64
N GLY A 433 9.70 -1.95 -0.05
CA GLY A 433 8.92 -0.85 -0.60
C GLY A 433 9.68 0.46 -0.63
N LEU A 434 10.52 0.71 0.38
CA LEU A 434 11.30 1.94 0.40
C LEU A 434 12.39 1.92 -0.67
N TYR A 435 13.04 0.76 -0.85
CA TYR A 435 14.06 0.66 -1.91
C TYR A 435 13.44 0.81 -3.29
N VAL A 436 12.32 0.13 -3.53
CA VAL A 436 11.65 0.24 -4.82
C VAL A 436 11.15 1.66 -5.06
N ALA A 437 10.80 2.37 -3.98
CA ALA A 437 10.36 3.76 -4.12
C ALA A 437 11.48 4.68 -4.59
N ASN A 438 12.74 4.25 -4.51
CA ASN A 438 13.87 5.04 -4.95
C ASN A 438 14.48 4.54 -6.25
N ILE A 439 13.86 3.54 -6.89
CA ILE A 439 14.38 3.02 -8.15
C ILE A 439 13.93 3.92 -9.29
#